data_6M9H
#
_entry.id   6M9H
#
_cell.length_a   44.298
_cell.length_b   57.600
_cell.length_c   60.691
_cell.angle_alpha   90.00
_cell.angle_beta   110.17
_cell.angle_gamma   90.00
#
_symmetry.space_group_name_H-M   'P 1 21 1'
#
loop_
_entity.id
_entity.type
_entity.pdbx_description
1 polymer 'Tyrosine-protein kinase JAK2'
2 non-polymer 4-({4-amino-6-[4-(2-hydroxyethyl)-1H-imidazol-1-yl]pyrimidin-2-yl}amino)benzonitrile
3 non-polymer GLYCEROL
4 non-polymer 'DIMETHYL SULFOXIDE'
5 water water
#
_entity_poly.entity_id   1
_entity_poly.type   'polypeptide(L)'
_entity_poly.pdbx_seq_one_letter_code
;VFHKIRNEDLIFNESLGQGTFTKIFKGVRREVGDYGQLHETEVLLKVLDKAHRNYSESFFEAASMMSKLSHKHLVLNYGV
CVCGDENILVQEFVKFGSLDTYLKKNKNCINILWKLEVAKQLAAAMHFLEENTLIHGNVCAKNILLIREEDRKTGNPPFI
KLSDPGISITVLPKDILQERIPWVPPECIENPKNLNLATDKWSFGTTLWEICSGGDKPLSALDSQRKLQFYEDRHQLPAP
KAAELANLINNCMDYEPDHRPSFRAIIRDLNSLFTPDLVPRGSHHHHHH
;
_entity_poly.pdbx_strand_id   A
#
# COMPACT_ATOMS: atom_id res chain seq x y z
N VAL A 1 0.78 -20.26 -6.97
CA VAL A 1 1.28 -20.50 -5.63
C VAL A 1 2.67 -19.91 -5.49
N PHE A 2 3.05 -19.58 -4.26
CA PHE A 2 4.36 -18.99 -4.00
C PHE A 2 5.44 -20.07 -3.93
N HIS A 3 6.65 -19.70 -4.35
CA HIS A 3 7.84 -20.49 -4.06
C HIS A 3 8.02 -20.66 -2.56
N LYS A 4 8.44 -21.84 -2.13
CA LYS A 4 8.65 -22.12 -0.71
C LYS A 4 10.12 -21.94 -0.38
N ILE A 5 10.39 -21.16 0.66
CA ILE A 5 11.74 -20.89 1.12
C ILE A 5 11.94 -21.56 2.48
N ARG A 6 13.09 -22.21 2.66
CA ARG A 6 13.36 -22.89 3.92
C ARG A 6 13.74 -21.89 5.01
N ASN A 7 13.27 -22.17 6.24
CA ASN A 7 13.63 -21.35 7.39
C ASN A 7 15.13 -21.27 7.58
N GLU A 8 15.85 -22.36 7.28
CA GLU A 8 17.30 -22.38 7.46
C GLU A 8 18.01 -21.38 6.56
N ASP A 9 17.37 -20.96 5.47
CA ASP A 9 18.00 -20.04 4.54
C ASP A 9 17.68 -18.59 4.84
N LEU A 10 16.96 -18.31 5.92
CA LEU A 10 16.52 -16.98 6.30
C LEU A 10 17.15 -16.58 7.63
N ILE A 11 17.68 -15.37 7.68
CA ILE A 11 18.19 -14.77 8.91
CA ILE A 11 18.19 -14.76 8.91
C ILE A 11 17.31 -13.56 9.22
N PHE A 12 16.80 -13.51 10.45
CA PHE A 12 15.98 -12.37 10.87
C PHE A 12 16.88 -11.31 11.51
N ASN A 13 16.76 -10.07 11.03
CA ASN A 13 17.47 -8.96 11.65
C ASN A 13 16.45 -7.96 12.20
N GLU A 14 16.67 -6.66 12.03
CA GLU A 14 15.97 -5.69 12.86
C GLU A 14 14.50 -5.53 12.49
N SER A 15 13.70 -5.26 13.51
CA SER A 15 12.31 -4.90 13.29
C SER A 15 12.22 -3.61 12.50
N LEU A 16 11.31 -3.59 11.53
CA LEU A 16 11.02 -2.42 10.74
C LEU A 16 9.60 -1.92 10.97
N GLY A 17 8.86 -2.53 11.88
CA GLY A 17 7.54 -2.03 12.19
C GLY A 17 6.53 -3.15 12.23
N GLN A 18 5.26 -2.76 12.11
CA GLN A 18 4.13 -3.67 12.24
C GLN A 18 3.06 -3.34 11.22
N GLY A 19 2.27 -4.35 10.87
CA GLY A 19 1.02 -4.13 10.17
C GLY A 19 -0.12 -4.78 10.94
N THR A 20 -1.27 -4.91 10.31
CA THR A 20 -2.41 -5.54 10.97
C THR A 20 -2.12 -7.02 11.18
N PHE A 21 -1.93 -7.42 12.43
CA PHE A 21 -1.63 -8.80 12.82
C PHE A 21 -0.30 -9.30 12.27
N THR A 22 0.61 -8.39 11.92
CA THR A 22 1.88 -8.76 11.33
C THR A 22 3.02 -7.94 11.94
N LYS A 23 4.22 -8.51 11.87
CA LYS A 23 5.44 -7.80 12.24
C LYS A 23 6.41 -7.87 11.07
N ILE A 24 7.18 -6.80 10.87
CA ILE A 24 8.03 -6.63 9.69
C ILE A 24 9.48 -6.56 10.15
N PHE A 25 10.36 -7.31 9.48
CA PHE A 25 11.79 -7.35 9.79
C PHE A 25 12.63 -7.19 8.52
N LYS A 26 13.80 -6.59 8.69
CA LYS A 26 14.85 -6.77 7.68
C LYS A 26 15.47 -8.15 7.87
N GLY A 27 15.83 -8.82 6.78
CA GLY A 27 16.46 -10.11 6.94
C GLY A 27 17.41 -10.41 5.80
N VAL A 28 17.98 -11.61 5.80
CA VAL A 28 18.83 -12.07 4.71
C VAL A 28 18.33 -13.44 4.26
N ARG A 29 18.34 -13.66 2.96
CA ARG A 29 18.04 -14.95 2.38
C ARG A 29 19.28 -15.48 1.67
N ARG A 30 19.76 -16.66 2.08
CA ARG A 30 20.81 -17.34 1.36
C ARG A 30 20.19 -18.11 0.21
N GLU A 31 20.73 -17.94 -0.99
CA GLU A 31 20.10 -18.57 -2.14
C GLU A 31 21.12 -18.80 -3.25
N VAL A 32 20.79 -19.73 -4.13
CA VAL A 32 21.53 -19.91 -5.38
C VAL A 32 20.85 -19.07 -6.44
N GLY A 33 21.58 -18.14 -7.05
CA GLY A 33 21.04 -17.25 -8.06
C GLY A 33 21.42 -17.67 -9.46
N ASP A 34 21.36 -16.73 -10.38
CA ASP A 34 21.73 -17.03 -11.76
C ASP A 34 23.18 -17.49 -11.86
N TYR A 35 23.42 -18.38 -12.82
CA TYR A 35 24.71 -19.00 -13.09
C TYR A 35 25.19 -19.85 -11.92
N GLY A 36 24.28 -20.21 -11.01
CA GLY A 36 24.66 -21.02 -9.88
C GLY A 36 25.46 -20.28 -8.83
N GLN A 37 25.47 -18.95 -8.89
CA GLN A 37 26.18 -18.14 -7.91
C GLN A 37 25.43 -18.07 -6.58
N LEU A 38 26.16 -18.20 -5.48
CA LEU A 38 25.60 -18.06 -4.14
C LEU A 38 25.43 -16.60 -3.77
N HIS A 39 24.26 -16.25 -3.24
CA HIS A 39 23.97 -14.89 -2.82
C HIS A 39 23.46 -14.90 -1.38
N GLU A 40 23.72 -13.78 -0.70
CA GLU A 40 23.09 -13.44 0.57
C GLU A 40 22.32 -12.16 0.32
N THR A 41 21.02 -12.30 0.09
CA THR A 41 20.18 -11.23 -0.44
C THR A 41 19.41 -10.57 0.70
N GLU A 42 19.46 -9.24 0.75
CA GLU A 42 18.60 -8.53 1.72
C GLU A 42 17.14 -8.72 1.33
N VAL A 43 16.30 -9.01 2.34
CA VAL A 43 14.88 -9.26 2.11
C VAL A 43 14.07 -8.55 3.19
N LEU A 44 12.79 -8.45 2.93
CA LEU A 44 11.82 -7.94 3.86
C LEU A 44 11.01 -9.17 4.30
N LEU A 45 11.01 -9.44 5.59
CA LEU A 45 10.29 -10.58 6.13
C LEU A 45 9.04 -10.07 6.83
N LYS A 46 7.89 -10.54 6.38
CA LYS A 46 6.62 -10.09 6.92
C LYS A 46 6.00 -11.29 7.61
N VAL A 47 5.83 -11.21 8.93
CA VAL A 47 5.51 -12.37 9.75
C VAL A 47 4.10 -12.21 10.30
N LEU A 48 3.23 -13.18 9.98
CA LEU A 48 1.90 -13.21 10.60
C LEU A 48 2.01 -13.58 12.08
N ASP A 49 1.35 -12.82 12.94
CA ASP A 49 1.31 -13.12 14.37
C ASP A 49 0.82 -14.55 14.62
N LYS A 50 1.53 -15.30 15.46
CA LYS A 50 1.11 -16.67 15.78
C LYS A 50 -0.33 -16.70 16.32
N ALA A 51 -0.66 -15.76 17.21
CA ALA A 51 -2.00 -15.72 17.78
C ALA A 51 -3.08 -15.51 16.73
N HIS A 52 -2.72 -15.07 15.53
CA HIS A 52 -3.67 -14.81 14.46
C HIS A 52 -3.45 -15.71 13.26
N ARG A 53 -2.88 -16.91 13.50
CA ARG A 53 -2.58 -17.80 12.38
C ARG A 53 -3.82 -18.21 11.59
N ASN A 54 -5.01 -18.05 12.17
CA ASN A 54 -6.25 -18.31 11.45
C ASN A 54 -6.44 -17.36 10.26
N TYR A 55 -5.72 -16.26 10.20
CA TYR A 55 -5.80 -15.36 9.05
C TYR A 55 -4.83 -15.75 7.94
N SER A 56 -4.13 -16.89 8.06
CA SER A 56 -3.01 -17.18 7.16
C SER A 56 -3.44 -17.14 5.69
N GLU A 57 -4.56 -17.79 5.36
CA GLU A 57 -5.02 -17.78 3.96
C GLU A 57 -5.18 -16.35 3.44
N SER A 58 -5.90 -15.51 4.20
CA SER A 58 -6.08 -14.14 3.73
C SER A 58 -4.74 -13.43 3.64
N PHE A 59 -3.87 -13.67 4.63
CA PHE A 59 -2.56 -13.05 4.68
C PHE A 59 -1.79 -13.33 3.39
N PHE A 60 -1.89 -14.57 2.89
CA PHE A 60 -1.12 -14.91 1.70
C PHE A 60 -1.90 -14.64 0.43
N GLU A 61 -3.24 -14.70 0.51
CA GLU A 61 -4.03 -14.40 -0.68
C GLU A 61 -3.71 -13.00 -1.16
N ALA A 62 -3.56 -12.08 -0.20
CA ALA A 62 -3.07 -10.73 -0.45
C ALA A 62 -1.87 -10.75 -1.41
N ALA A 63 -0.79 -11.44 -1.03
CA ALA A 63 0.38 -11.35 -1.88
C ALA A 63 0.20 -12.10 -3.19
N SER A 64 -0.63 -13.15 -3.19
CA SER A 64 -0.54 -14.16 -4.24
C SER A 64 -1.01 -13.61 -5.59
N MET A 65 -2.25 -13.15 -5.64
CA MET A 65 -2.84 -12.70 -6.91
C MET A 65 -1.98 -11.63 -7.57
N MET A 66 -1.64 -10.59 -6.80
CA MET A 66 -0.72 -9.56 -7.28
C MET A 66 0.54 -10.16 -7.87
N SER A 67 1.17 -11.09 -7.15
CA SER A 67 2.41 -11.70 -7.62
C SER A 67 2.21 -12.52 -8.89
N LYS A 68 0.99 -12.94 -9.20
CA LYS A 68 0.73 -13.55 -10.50
C LYS A 68 0.92 -12.57 -11.65
N LEU A 69 0.86 -11.27 -11.37
CA LEU A 69 1.11 -10.24 -12.37
C LEU A 69 2.43 -9.54 -12.09
N SER A 70 3.25 -9.39 -13.12
CA SER A 70 4.53 -8.70 -13.04
C SER A 70 4.37 -7.27 -13.58
N HIS A 71 4.91 -6.30 -12.85
CA HIS A 71 4.81 -4.91 -13.30
C HIS A 71 5.87 -4.08 -12.58
N LYS A 72 6.43 -3.09 -13.28
CA LYS A 72 7.53 -2.33 -12.68
C LYS A 72 7.12 -1.56 -11.43
N HIS A 73 5.83 -1.27 -11.24
CA HIS A 73 5.38 -0.50 -10.09
C HIS A 73 4.73 -1.38 -9.02
N LEU A 74 4.93 -2.71 -9.09
CA LEU A 74 4.35 -3.66 -8.14
C LEU A 74 5.48 -4.40 -7.43
N VAL A 75 5.38 -4.51 -6.12
CA VAL A 75 6.47 -5.07 -5.31
C VAL A 75 6.70 -6.52 -5.69
N LEU A 76 7.97 -6.91 -5.61
CA LEU A 76 8.36 -8.28 -5.96
C LEU A 76 8.32 -9.11 -4.69
N ASN A 77 7.55 -10.19 -4.71
CA ASN A 77 7.55 -11.17 -3.63
C ASN A 77 8.41 -12.33 -4.07
N TYR A 78 9.36 -12.71 -3.23
CA TYR A 78 10.21 -13.85 -3.57
C TYR A 78 9.52 -15.17 -3.26
N GLY A 79 8.76 -15.23 -2.18
CA GLY A 79 8.18 -16.50 -1.81
C GLY A 79 7.61 -16.44 -0.41
N VAL A 80 7.40 -17.61 0.17
CA VAL A 80 6.90 -17.71 1.54
C VAL A 80 7.73 -18.74 2.27
N CYS A 81 7.81 -18.57 3.59
CA CYS A 81 8.34 -19.60 4.49
C CYS A 81 7.22 -20.02 5.42
N VAL A 82 6.86 -21.30 5.35
CA VAL A 82 5.82 -21.84 6.22
C VAL A 82 6.37 -23.03 6.99
N CYS A 83 7.68 -23.04 7.19
CA CYS A 83 8.30 -24.04 8.06
C CYS A 83 7.78 -23.91 9.48
N GLY A 84 7.59 -25.04 10.13
CA GLY A 84 7.23 -25.01 11.54
C GLY A 84 5.91 -24.31 11.77
N ASP A 85 5.89 -23.42 12.77
CA ASP A 85 4.71 -22.65 13.13
C ASP A 85 4.74 -21.23 12.54
N GLU A 86 5.55 -21.00 11.51
CA GLU A 86 5.72 -19.69 10.94
C GLU A 86 4.81 -19.49 9.74
N ASN A 87 4.33 -18.27 9.56
CA ASN A 87 3.75 -17.85 8.28
C ASN A 87 4.46 -16.59 7.86
N ILE A 88 5.39 -16.69 6.90
CA ILE A 88 6.26 -15.57 6.55
C ILE A 88 6.17 -15.31 5.06
N LEU A 89 5.91 -14.05 4.70
CA LEU A 89 6.10 -13.58 3.32
C LEU A 89 7.50 -13.00 3.17
N VAL A 90 8.22 -13.44 2.14
CA VAL A 90 9.57 -12.98 1.81
C VAL A 90 9.48 -12.10 0.58
N GLN A 91 9.78 -10.81 0.77
CA GLN A 91 9.62 -9.77 -0.25
C GLN A 91 10.94 -9.02 -0.49
N GLU A 92 11.07 -8.39 -1.67
CA GLU A 92 12.27 -7.63 -1.95
C GLU A 92 12.45 -6.55 -0.89
N PHE A 93 13.70 -6.29 -0.51
CA PHE A 93 13.98 -5.23 0.44
C PHE A 93 14.16 -3.92 -0.32
N VAL A 94 13.35 -2.93 0.02
CA VAL A 94 13.37 -1.65 -0.67
C VAL A 94 14.17 -0.66 0.16
N LYS A 95 15.10 0.06 -0.49
CA LYS A 95 16.11 0.81 0.25
C LYS A 95 15.51 1.92 1.13
N PHE A 96 14.45 2.58 0.69
CA PHE A 96 14.03 3.78 1.40
C PHE A 96 12.73 3.60 2.18
N GLY A 97 12.19 2.38 2.23
CA GLY A 97 11.08 2.07 3.10
C GLY A 97 9.73 2.54 2.58
N SER A 98 8.80 2.65 3.50
CA SER A 98 7.41 2.94 3.15
C SER A 98 7.18 4.45 3.04
N LEU A 99 6.21 4.82 2.21
CA LEU A 99 6.03 6.23 1.88
C LEU A 99 5.47 7.03 3.05
N ASP A 100 4.64 6.44 3.92
CA ASP A 100 4.12 7.25 5.04
C ASP A 100 5.27 7.82 5.87
N THR A 101 6.23 6.97 6.23
CA THR A 101 7.35 7.42 7.04
C THR A 101 8.21 8.41 6.27
N TYR A 102 8.46 8.11 4.99
CA TYR A 102 9.30 8.99 4.19
C TYR A 102 8.70 10.38 4.10
N LEU A 103 7.38 10.47 3.87
CA LEU A 103 6.74 11.78 3.77
C LEU A 103 6.88 12.53 5.08
N LYS A 104 6.69 11.84 6.20
CA LYS A 104 6.80 12.51 7.50
C LYS A 104 8.22 13.04 7.73
N LYS A 105 9.24 12.24 7.42
CA LYS A 105 10.61 12.66 7.68
C LYS A 105 11.12 13.68 6.66
N ASN A 106 10.50 13.77 5.47
CA ASN A 106 11.05 14.60 4.42
C ASN A 106 10.09 15.69 3.93
N LYS A 107 9.01 15.96 4.65
CA LYS A 107 8.00 16.91 4.17
C LYS A 107 8.60 18.28 3.83
N ASN A 108 9.67 18.68 4.52
CA ASN A 108 10.24 20.00 4.25
C ASN A 108 11.03 20.08 2.95
N CYS A 109 11.16 18.99 2.19
CA CYS A 109 11.89 19.08 0.93
C CYS A 109 11.19 18.30 -0.19
N ILE A 110 9.91 18.02 -0.04
CA ILE A 110 9.10 17.34 -1.05
C ILE A 110 8.17 18.40 -1.65
N ASN A 111 8.37 18.73 -2.92
CA ASN A 111 7.62 19.79 -3.56
C ASN A 111 6.51 19.22 -4.45
N ILE A 112 5.82 20.12 -5.14
CA ILE A 112 4.64 19.72 -5.90
C ILE A 112 4.99 18.78 -7.03
N LEU A 113 6.18 18.93 -7.62
CA LEU A 113 6.56 18.08 -8.74
C LEU A 113 6.89 16.66 -8.29
N TRP A 114 7.54 16.51 -7.13
CA TRP A 114 7.72 15.19 -6.52
C TRP A 114 6.37 14.51 -6.28
N LYS A 115 5.43 15.24 -5.67
CA LYS A 115 4.13 14.66 -5.36
C LYS A 115 3.40 14.26 -6.63
N LEU A 116 3.41 15.14 -7.64
CA LEU A 116 2.76 14.81 -8.90
C LEU A 116 3.37 13.56 -9.52
N GLU A 117 4.70 13.44 -9.49
CA GLU A 117 5.34 12.27 -10.09
C GLU A 117 4.98 10.98 -9.35
N VAL A 118 4.95 11.06 -8.01
CA VAL A 118 4.57 9.89 -7.25
C VAL A 118 3.11 9.53 -7.50
N ALA A 119 2.25 10.56 -7.62
CA ALA A 119 0.85 10.33 -7.90
C ALA A 119 0.66 9.64 -9.25
N LYS A 120 1.42 10.09 -10.26
CA LYS A 120 1.35 9.48 -11.60
C LYS A 120 1.78 8.01 -11.56
N GLN A 121 2.85 7.71 -10.84
CA GLN A 121 3.32 6.33 -10.76
C GLN A 121 2.30 5.44 -10.05
N LEU A 122 1.76 5.92 -8.91
CA LEU A 122 0.72 5.13 -8.26
C LEU A 122 -0.47 4.92 -9.17
N ALA A 123 -0.87 5.97 -9.90
CA ALA A 123 -2.00 5.84 -10.81
C ALA A 123 -1.70 4.84 -11.92
N ALA A 124 -0.45 4.78 -12.36
CA ALA A 124 -0.13 3.81 -13.41
C ALA A 124 -0.25 2.40 -12.88
N ALA A 125 0.20 2.18 -11.64
CA ALA A 125 0.07 0.86 -11.04
C ALA A 125 -1.39 0.47 -10.89
N MET A 126 -2.22 1.43 -10.44
CA MET A 126 -3.64 1.16 -10.25
C MET A 126 -4.34 0.95 -11.60
N HIS A 127 -3.94 1.67 -12.64
CA HIS A 127 -4.49 1.43 -13.97
C HIS A 127 -4.21 0.01 -14.43
N PHE A 128 -2.98 -0.44 -14.21
CA PHE A 128 -2.60 -1.81 -14.56
C PHE A 128 -3.48 -2.82 -13.81
N LEU A 129 -3.69 -2.60 -12.51
CA LEU A 129 -4.59 -3.48 -11.78
C LEU A 129 -6.01 -3.41 -12.33
N GLU A 130 -6.52 -2.19 -12.56
CA GLU A 130 -7.87 -2.03 -13.10
C GLU A 130 -8.05 -2.77 -14.42
N GLU A 131 -7.06 -2.68 -15.31
CA GLU A 131 -7.18 -3.33 -16.60
C GLU A 131 -7.15 -4.85 -16.45
N ASN A 132 -6.54 -5.36 -15.40
CA ASN A 132 -6.56 -6.78 -15.08
C ASN A 132 -7.71 -7.15 -14.13
N THR A 133 -8.61 -6.21 -13.85
CA THR A 133 -9.73 -6.40 -12.94
C THR A 133 -9.29 -7.04 -11.62
N LEU A 134 -8.17 -6.56 -11.08
CA LEU A 134 -7.65 -7.09 -9.83
C LEU A 134 -7.75 -6.03 -8.74
N ILE A 135 -8.52 -6.35 -7.70
CA ILE A 135 -8.71 -5.42 -6.59
C ILE A 135 -7.53 -5.49 -5.65
N HIS A 136 -7.00 -4.33 -5.27
CA HIS A 136 -5.96 -4.27 -4.24
C HIS A 136 -6.57 -4.34 -2.85
N GLY A 137 -7.46 -3.39 -2.52
CA GLY A 137 -8.19 -3.41 -1.28
C GLY A 137 -7.59 -2.65 -0.13
N ASN A 138 -6.35 -2.19 -0.23
CA ASN A 138 -5.79 -1.41 0.88
C ASN A 138 -4.75 -0.42 0.36
N VAL A 139 -5.15 0.46 -0.56
CA VAL A 139 -4.24 1.48 -1.05
C VAL A 139 -4.04 2.55 0.01
N CYS A 140 -2.78 2.81 0.37
CA CYS A 140 -2.46 3.79 1.41
C CYS A 140 -0.96 4.04 1.33
N ALA A 141 -0.53 5.15 1.91
CA ALA A 141 0.88 5.51 1.82
C ALA A 141 1.77 4.48 2.52
N LYS A 142 1.27 3.85 3.60
CA LYS A 142 2.01 2.78 4.26
C LYS A 142 2.26 1.60 3.33
N ASN A 143 1.43 1.42 2.30
CA ASN A 143 1.62 0.33 1.36
C ASN A 143 2.27 0.78 0.04
N ILE A 144 2.95 1.94 0.06
CA ILE A 144 3.78 2.38 -1.06
C ILE A 144 5.23 2.40 -0.61
N LEU A 145 6.11 1.86 -1.42
CA LEU A 145 7.53 1.73 -1.09
C LEU A 145 8.37 2.60 -2.02
N LEU A 146 9.38 3.25 -1.46
CA LEU A 146 10.23 4.16 -2.23
C LEU A 146 11.52 3.45 -2.63
N ILE A 147 11.61 3.05 -3.90
CA ILE A 147 12.76 2.35 -4.46
C ILE A 147 13.95 3.28 -4.62
N ARG A 148 13.68 4.51 -5.06
CA ARG A 148 14.71 5.43 -5.51
C ARG A 148 14.30 6.85 -5.16
N GLU A 149 15.22 7.60 -4.56
CA GLU A 149 14.91 8.99 -4.26
C GLU A 149 15.03 9.84 -5.52
N GLU A 150 14.40 11.00 -5.46
CA GLU A 150 14.57 11.99 -6.51
C GLU A 150 16.00 12.52 -6.51
N ASP A 151 16.54 12.77 -7.70
CA ASP A 151 17.87 13.35 -7.85
C ASP A 151 17.79 14.47 -8.89
N ARG A 152 17.60 15.70 -8.44
CA ARG A 152 17.57 16.83 -9.36
C ARG A 152 18.83 16.91 -10.21
N LYS A 153 19.96 16.41 -9.69
CA LYS A 153 21.23 16.57 -10.39
C LYS A 153 21.29 15.74 -11.67
N THR A 154 20.60 14.59 -11.72
CA THR A 154 20.49 13.82 -12.96
C THR A 154 19.06 13.81 -13.50
N GLY A 155 18.23 14.79 -13.12
CA GLY A 155 16.86 14.87 -13.56
C GLY A 155 16.00 13.68 -13.17
N ASN A 156 16.54 12.80 -12.35
CA ASN A 156 15.89 11.52 -12.09
C ASN A 156 14.70 11.69 -11.15
N PRO A 157 13.54 11.16 -11.50
CA PRO A 157 12.41 11.25 -10.60
C PRO A 157 12.53 10.22 -9.48
N PRO A 158 11.78 10.37 -8.40
CA PRO A 158 11.66 9.26 -7.45
C PRO A 158 10.99 8.09 -8.15
N PHE A 159 11.15 6.89 -7.60
CA PHE A 159 10.45 5.72 -8.14
C PHE A 159 9.81 4.93 -7.01
N ILE A 160 8.52 4.59 -7.14
CA ILE A 160 7.77 3.89 -6.09
C ILE A 160 7.25 2.55 -6.61
N LYS A 161 6.94 1.69 -5.67
CA LYS A 161 6.17 0.48 -5.94
C LYS A 161 5.01 0.35 -4.97
N LEU A 162 3.93 -0.23 -5.43
CA LEU A 162 2.78 -0.55 -4.60
C LEU A 162 3.00 -1.90 -3.93
N SER A 163 2.84 -1.95 -2.62
CA SER A 163 3.07 -3.21 -1.91
C SER A 163 1.77 -3.98 -1.75
N ASP A 164 1.81 -5.17 -1.10
CA ASP A 164 0.63 -6.01 -0.98
C ASP A 164 -0.32 -5.43 0.06
N PRO A 165 -1.62 -5.75 -0.01
CA PRO A 165 -2.60 -5.09 0.87
C PRO A 165 -2.65 -5.63 2.29
N GLY A 166 -2.02 -6.76 2.58
CA GLY A 166 -2.20 -7.42 3.86
C GLY A 166 -3.55 -8.13 3.92
N ILE A 167 -3.90 -8.59 5.13
CA ILE A 167 -5.14 -9.31 5.32
C ILE A 167 -6.30 -8.45 4.81
N SER A 168 -7.24 -9.08 4.10
CA SER A 168 -8.35 -8.37 3.46
C SER A 168 -9.32 -7.75 4.46
N ILE A 169 -9.87 -6.58 4.10
CA ILE A 169 -10.95 -5.98 4.89
C ILE A 169 -12.20 -6.86 4.91
N THR A 170 -12.33 -7.78 3.97
CA THR A 170 -13.50 -8.65 4.00
C THR A 170 -13.47 -9.65 5.15
N VAL A 171 -12.33 -9.83 5.82
CA VAL A 171 -12.25 -10.76 6.94
C VAL A 171 -11.86 -10.07 8.24
N LEU A 172 -11.62 -8.78 8.23
CA LEU A 172 -11.08 -8.16 9.43
C LEU A 172 -12.19 -7.73 10.37
N PRO A 173 -11.88 -7.65 11.67
CA PRO A 173 -12.85 -7.16 12.64
C PRO A 173 -13.36 -5.77 12.31
N LYS A 174 -14.63 -5.53 12.65
CA LYS A 174 -15.26 -4.26 12.32
C LYS A 174 -14.51 -3.06 12.93
N ASP A 175 -13.98 -3.20 14.15
CA ASP A 175 -13.35 -2.05 14.78
C ASP A 175 -12.06 -1.64 14.07
N ILE A 176 -11.35 -2.60 13.48
CA ILE A 176 -10.18 -2.26 12.69
C ILE A 176 -10.57 -1.50 11.42
N LEU A 177 -11.64 -1.95 10.75
CA LEU A 177 -12.14 -1.23 9.58
C LEU A 177 -12.54 0.19 9.93
N GLN A 178 -13.24 0.37 11.04
CA GLN A 178 -13.63 1.72 11.43
C GLN A 178 -12.42 2.59 11.69
N GLU A 179 -11.40 2.03 12.34
CA GLU A 179 -10.19 2.81 12.56
C GLU A 179 -9.46 3.12 11.26
N ARG A 180 -9.73 2.37 10.19
CA ARG A 180 -9.14 2.64 8.88
C ARG A 180 -9.95 3.63 8.04
N ILE A 181 -11.03 4.18 8.57
CA ILE A 181 -11.64 5.34 7.90
C ILE A 181 -10.62 6.48 7.92
N PRO A 182 -10.41 7.25 6.82
CA PRO A 182 -11.13 7.28 5.54
C PRO A 182 -10.43 6.55 4.37
N TRP A 183 -9.59 5.57 4.67
CA TRP A 183 -9.05 4.75 3.58
C TRP A 183 -10.06 3.73 3.12
N VAL A 184 -10.77 3.12 4.08
CA VAL A 184 -11.84 2.18 3.77
C VAL A 184 -13.04 3.00 3.34
N PRO A 185 -13.61 2.77 2.15
CA PRO A 185 -14.64 3.67 1.65
C PRO A 185 -15.98 3.41 2.31
N PRO A 186 -16.91 4.35 2.23
CA PRO A 186 -18.16 4.22 2.98
C PRO A 186 -18.95 2.96 2.68
N GLU A 187 -18.98 2.53 1.41
CA GLU A 187 -19.76 1.33 1.10
C GLU A 187 -19.19 0.10 1.77
N CYS A 188 -17.90 0.10 2.09
CA CYS A 188 -17.31 -1.06 2.73
C CYS A 188 -17.44 -1.02 4.24
N ILE A 189 -17.57 0.17 4.81
CA ILE A 189 -18.01 0.28 6.20
C ILE A 189 -19.44 -0.24 6.33
N GLU A 190 -20.31 0.14 5.39
CA GLU A 190 -21.67 -0.40 5.39
C GLU A 190 -21.67 -1.92 5.26
N ASN A 191 -20.82 -2.46 4.38
CA ASN A 191 -20.76 -3.90 4.15
C ASN A 191 -19.41 -4.27 3.52
N PRO A 192 -18.51 -4.94 4.27
CA PRO A 192 -17.17 -5.23 3.72
C PRO A 192 -17.19 -6.06 2.45
N LYS A 193 -18.27 -6.81 2.19
CA LYS A 193 -18.37 -7.59 0.96
C LYS A 193 -18.69 -6.73 -0.27
N ASN A 194 -18.92 -5.44 -0.08
CA ASN A 194 -19.00 -4.49 -1.18
C ASN A 194 -17.65 -4.19 -1.80
N LEU A 195 -16.56 -4.81 -1.34
CA LEU A 195 -15.24 -4.59 -1.91
C LEU A 195 -15.25 -4.81 -3.43
N ASN A 196 -14.72 -3.83 -4.16
CA ASN A 196 -14.93 -3.70 -5.61
C ASN A 196 -13.74 -2.94 -6.21
N LEU A 197 -13.63 -2.95 -7.54
CA LEU A 197 -12.63 -2.04 -8.13
C LEU A 197 -12.84 -0.59 -7.69
N ALA A 198 -14.09 -0.16 -7.51
CA ALA A 198 -14.34 1.24 -7.12
C ALA A 198 -13.76 1.58 -5.74
N THR A 199 -13.67 0.57 -4.85
CA THR A 199 -13.01 0.73 -3.56
C THR A 199 -11.64 1.38 -3.71
N ASP A 200 -10.84 0.87 -4.65
CA ASP A 200 -9.47 1.35 -4.77
C ASP A 200 -9.43 2.79 -5.26
N LYS A 201 -10.46 3.25 -6.00
CA LYS A 201 -10.45 4.65 -6.42
C LYS A 201 -10.64 5.58 -5.24
N TRP A 202 -11.56 5.23 -4.34
CA TRP A 202 -11.69 6.01 -3.11
C TRP A 202 -10.39 6.02 -2.31
N SER A 203 -9.83 4.82 -2.04
CA SER A 203 -8.60 4.76 -1.24
C SER A 203 -7.45 5.49 -1.92
N PHE A 204 -7.37 5.45 -3.26
CA PHE A 204 -6.36 6.22 -3.97
C PHE A 204 -6.49 7.70 -3.67
N GLY A 205 -7.72 8.20 -3.61
CA GLY A 205 -7.89 9.60 -3.24
C GLY A 205 -7.37 9.90 -1.85
N THR A 206 -7.68 9.02 -0.90
CA THR A 206 -7.17 9.22 0.46
C THR A 206 -5.65 9.22 0.46
N THR A 207 -5.07 8.37 -0.39
CA THR A 207 -3.62 8.25 -0.45
C THR A 207 -2.97 9.49 -1.05
N LEU A 208 -3.58 10.04 -2.11
CA LEU A 208 -3.13 11.33 -2.62
C LEU A 208 -3.16 12.40 -1.54
N TRP A 209 -4.21 12.39 -0.71
CA TRP A 209 -4.27 13.35 0.39
C TRP A 209 -3.06 13.19 1.33
N GLU A 210 -2.75 11.95 1.68
CA GLU A 210 -1.55 11.70 2.47
C GLU A 210 -0.28 12.26 1.81
N ILE A 211 -0.12 11.96 0.51
CA ILE A 211 1.06 12.42 -0.23
C ILE A 211 1.17 13.95 -0.20
N CYS A 212 0.03 14.61 -0.25
CA CYS A 212 0.00 16.07 -0.24
C CYS A 212 0.11 16.68 1.14
N SER A 213 -0.05 15.90 2.21
CA SER A 213 -0.07 16.43 3.57
C SER A 213 1.16 16.05 4.40
N GLY A 214 2.29 15.79 3.76
CA GLY A 214 3.52 15.54 4.50
C GLY A 214 3.41 14.40 5.50
N GLY A 215 2.61 13.38 5.20
CA GLY A 215 2.49 12.22 6.08
C GLY A 215 1.45 12.32 7.17
N ASP A 216 0.76 13.45 7.33
CA ASP A 216 -0.37 13.52 8.23
C ASP A 216 -1.37 12.42 7.91
N LYS A 217 -2.06 11.92 8.94
CA LYS A 217 -3.13 10.96 8.74
C LYS A 217 -4.46 11.69 8.75
N PRO A 218 -5.24 11.62 7.67
CA PRO A 218 -6.53 12.33 7.63
C PRO A 218 -7.46 11.81 8.70
N LEU A 219 -8.17 12.73 9.35
CA LEU A 219 -9.12 12.45 10.41
C LEU A 219 -8.47 11.77 11.62
N SER A 220 -7.15 11.91 11.81
CA SER A 220 -6.54 11.22 12.94
C SER A 220 -7.09 11.72 14.27
N ALA A 221 -7.56 12.97 14.32
CA ALA A 221 -8.10 13.53 15.56
C ALA A 221 -9.46 12.96 15.93
N LEU A 222 -10.12 12.24 15.02
CA LEU A 222 -11.45 11.69 15.27
C LEU A 222 -11.32 10.26 15.77
N ASP A 223 -12.03 9.94 16.87
CA ASP A 223 -12.10 8.55 17.30
C ASP A 223 -13.03 7.78 16.36
N SER A 224 -13.08 6.45 16.55
CA SER A 224 -13.84 5.60 15.63
C SER A 224 -15.30 6.05 15.47
N GLN A 225 -15.97 6.38 16.58
CA GLN A 225 -17.35 6.83 16.49
C GLN A 225 -17.47 8.07 15.61
N ARG A 226 -16.55 9.02 15.77
CA ARG A 226 -16.63 10.25 14.99
C ARG A 226 -16.23 10.01 13.54
N LYS A 227 -15.34 9.04 13.26
CA LYS A 227 -15.04 8.70 11.86
C LYS A 227 -16.29 8.11 11.17
N LEU A 228 -17.02 7.27 11.91
CA LEU A 228 -18.28 6.74 11.39
C LEU A 228 -19.26 7.87 11.07
N GLN A 229 -19.42 8.80 12.00
CA GLN A 229 -20.36 9.90 11.76
C GLN A 229 -19.89 10.79 10.61
N PHE A 230 -18.58 10.96 10.43
CA PHE A 230 -18.04 11.66 9.26
C PHE A 230 -18.60 11.08 7.97
N TYR A 231 -18.56 9.76 7.84
CA TYR A 231 -19.23 9.15 6.68
C TYR A 231 -20.75 9.37 6.70
N GLU A 232 -21.38 9.29 7.87
CA GLU A 232 -22.84 9.44 7.90
C GLU A 232 -23.25 10.84 7.45
N ASP A 233 -22.45 11.85 7.75
CA ASP A 233 -22.77 13.21 7.36
C ASP A 233 -22.22 13.57 5.98
N ARG A 234 -21.56 12.62 5.32
CA ARG A 234 -21.12 12.78 3.92
C ARG A 234 -20.10 13.90 3.77
N HIS A 235 -19.20 14.01 4.71
CA HIS A 235 -18.16 15.02 4.64
C HIS A 235 -17.06 14.57 3.69
N GLN A 236 -16.29 15.54 3.21
CA GLN A 236 -15.08 15.31 2.44
C GLN A 236 -13.88 15.73 3.27
N LEU A 237 -12.69 15.32 2.83
CA LEU A 237 -11.51 15.74 3.54
C LEU A 237 -11.22 17.21 3.24
N PRO A 238 -10.57 17.91 4.17
CA PRO A 238 -10.17 19.29 3.88
C PRO A 238 -9.09 19.28 2.81
N ALA A 239 -9.03 20.37 2.04
CA ALA A 239 -7.97 20.44 1.05
C ALA A 239 -6.61 20.54 1.75
N PRO A 240 -5.61 19.81 1.29
CA PRO A 240 -4.25 20.03 1.81
C PRO A 240 -3.80 21.47 1.62
N LYS A 241 -2.89 21.92 2.49
CA LYS A 241 -2.33 23.26 2.38
C LYS A 241 -1.84 23.53 0.96
N ALA A 242 -1.01 22.63 0.43
CA ALA A 242 -0.69 22.62 -1.00
C ALA A 242 -1.79 21.85 -1.70
N ALA A 243 -2.72 22.59 -2.31
CA ALA A 243 -4.03 22.05 -2.69
C ALA A 243 -4.12 21.67 -4.15
N GLU A 244 -2.99 21.57 -4.86
CA GLU A 244 -3.00 21.34 -6.29
C GLU A 244 -3.76 20.07 -6.68
N LEU A 245 -3.80 19.06 -5.80
CA LEU A 245 -4.47 17.81 -6.11
C LEU A 245 -5.81 17.66 -5.39
N ALA A 246 -6.30 18.72 -4.75
CA ALA A 246 -7.50 18.60 -3.91
C ALA A 246 -8.72 18.22 -4.72
N ASN A 247 -8.91 18.82 -5.91
CA ASN A 247 -10.07 18.47 -6.70
C ASN A 247 -10.04 17.01 -7.10
N LEU A 248 -8.85 16.51 -7.47
CA LEU A 248 -8.72 15.09 -7.83
C LEU A 248 -9.01 14.20 -6.64
N ILE A 249 -8.48 14.55 -5.47
CA ILE A 249 -8.77 13.79 -4.24
C ILE A 249 -10.27 13.70 -4.02
N ASN A 250 -10.96 14.83 -4.09
CA ASN A 250 -12.39 14.82 -3.83
C ASN A 250 -13.17 14.08 -4.90
N ASN A 251 -12.76 14.19 -6.17
CA ASN A 251 -13.45 13.46 -7.24
C ASN A 251 -13.30 11.96 -7.07
N CYS A 252 -12.13 11.51 -6.57
CA CYS A 252 -11.94 10.09 -6.30
C CYS A 252 -12.74 9.66 -5.08
N MET A 253 -12.79 10.51 -4.05
CA MET A 253 -13.54 10.17 -2.83
C MET A 253 -15.02 10.53 -3.01
N ASP A 254 -15.64 9.91 -4.00
CA ASP A 254 -17.05 10.16 -4.30
C ASP A 254 -17.89 9.15 -3.53
N TYR A 255 -18.87 9.64 -2.77
CA TYR A 255 -19.71 8.71 -2.04
C TYR A 255 -20.51 7.78 -2.95
N GLU A 256 -20.68 8.12 -4.24
CA GLU A 256 -21.30 7.20 -5.17
C GLU A 256 -20.21 6.39 -5.87
N PRO A 257 -20.05 5.10 -5.57
CA PRO A 257 -18.92 4.35 -6.14
C PRO A 257 -18.93 4.34 -7.66
N ASP A 258 -20.10 4.28 -8.28
CA ASP A 258 -20.17 4.25 -9.74
C ASP A 258 -19.71 5.54 -10.39
N HIS A 259 -19.65 6.63 -9.64
CA HIS A 259 -19.25 7.89 -10.20
C HIS A 259 -17.74 8.14 -10.11
N ARG A 260 -17.00 7.29 -9.40
CA ARG A 260 -15.57 7.52 -9.26
C ARG A 260 -14.88 7.32 -10.61
N PRO A 261 -13.91 8.15 -10.95
CA PRO A 261 -13.36 8.11 -12.32
C PRO A 261 -12.42 6.94 -12.53
N SER A 262 -12.37 6.48 -13.79
CA SER A 262 -11.44 5.42 -14.15
C SER A 262 -10.01 5.89 -13.90
N PHE A 263 -9.10 4.94 -13.70
CA PHE A 263 -7.71 5.35 -13.57
C PHE A 263 -7.16 5.94 -14.87
N ARG A 264 -7.74 5.60 -16.02
CA ARG A 264 -7.32 6.28 -17.25
C ARG A 264 -7.65 7.77 -17.19
N ALA A 265 -8.86 8.09 -16.72
CA ALA A 265 -9.25 9.49 -16.59
C ALA A 265 -8.46 10.20 -15.51
N ILE A 266 -8.18 9.50 -14.41
CA ILE A 266 -7.31 10.03 -13.37
C ILE A 266 -5.96 10.38 -13.95
N ILE A 267 -5.40 9.48 -14.76
CA ILE A 267 -4.08 9.74 -15.34
C ILE A 267 -4.14 10.93 -16.28
N ARG A 268 -5.17 11.03 -17.11
CA ARG A 268 -5.28 12.19 -17.99
C ARG A 268 -5.38 13.49 -17.17
N ASP A 269 -6.08 13.43 -16.03
CA ASP A 269 -6.17 14.59 -15.15
C ASP A 269 -4.81 14.97 -14.59
N LEU A 270 -4.07 13.99 -14.05
CA LEU A 270 -2.72 14.25 -13.56
C LEU A 270 -1.84 14.86 -14.64
N ASN A 271 -1.92 14.33 -15.86
CA ASN A 271 -1.11 14.82 -16.94
C ASN A 271 -1.49 16.24 -17.32
N SER A 272 -2.71 16.68 -17.01
CA SER A 272 -3.07 18.07 -17.32
C SER A 272 -2.39 19.08 -16.40
N LEU A 273 -1.83 18.66 -15.27
CA LEU A 273 -1.27 19.61 -14.32
C LEU A 273 0.20 19.94 -14.58
#